data_8B58
#
_entry.id   8B58
#
_cell.length_a   38.400
_cell.length_b   119.424
_cell.length_c   46.350
_cell.angle_alpha   90.00
_cell.angle_beta   103.62
_cell.angle_gamma   90.00
#
_symmetry.space_group_name_H-M   'P 1 21 1'
#
loop_
_entity.id
_entity.type
_entity.pdbx_description
1 polymer 'Peptidyl-prolyl cis-trans isomerase'
2 polymer 'Cyclosporin A'
3 water water
#
loop_
_entity_poly.entity_id
_entity_poly.type
_entity_poly.pdbx_seq_one_letter_code
_entity_poly.pdbx_strand_id
1 'polypeptide(L)'
;MAPAPPANSGESSLLSESELPAGISYAEAMEGGSRPLLHPDNPVVFFDISIGSHEAGRIKIELFKNLAPKSAENFRQFCT
GEFRQNQVPIGYKGATFHRIIKNFMIQGGDFVKGDGTGRLSIYGSSFPDEAFVLPHFRSGLLSLANSGPDTNGCQFFITC
AKCDWLNRKHVVFGQVLGKESMQVVRKIEHVTVDGGNRPRIPVTVTQCGEL
;
A,B
2 'polypeptide(L)' (DAL)(MLE)(MLE)(MVA)(BMT)(ABA)(SAR)(MLE)V(MLE)A C,D
#
# COMPACT_ATOMS: atom_id res chain seq x y z
N SER A 13 -2.96 11.29 -22.98
CA SER A 13 -2.84 10.28 -21.88
C SER A 13 -4.04 9.33 -21.77
N LEU A 14 -5.18 9.73 -22.35
CA LEU A 14 -6.43 9.02 -22.12
C LEU A 14 -6.44 7.71 -22.88
N LEU A 15 -6.62 6.60 -22.14
CA LEU A 15 -6.70 5.26 -22.73
C LEU A 15 -8.07 5.01 -23.33
N SER A 16 -8.09 4.41 -24.53
CA SER A 16 -9.33 3.87 -25.08
C SER A 16 -9.70 2.58 -24.34
N GLU A 17 -10.97 2.17 -24.46
CA GLU A 17 -11.43 0.96 -23.77
C GLU A 17 -10.66 -0.27 -24.20
N SER A 18 -10.24 -0.30 -25.46
CA SER A 18 -9.46 -1.41 -25.95
C SER A 18 -8.04 -1.46 -25.37
N GLU A 19 -7.57 -0.35 -24.79
CA GLU A 19 -6.22 -0.30 -24.22
C GLU A 19 -6.15 -0.23 -22.72
N LEU A 20 -7.27 -0.57 -22.07
CA LEU A 20 -7.32 -0.51 -20.63
C LEU A 20 -6.45 -1.60 -20.03
N PRO A 21 -5.82 -1.32 -18.86
CA PRO A 21 -5.03 -2.34 -18.18
C PRO A 21 -5.93 -3.44 -17.57
N ALA A 22 -5.32 -4.58 -17.31
CA ALA A 22 -5.98 -5.67 -16.61
C ALA A 22 -6.38 -5.23 -15.21
N GLY A 23 -7.53 -5.75 -14.75
CA GLY A 23 -7.97 -5.61 -13.39
C GLY A 23 -9.02 -4.57 -13.10
N ILE A 24 -9.53 -3.92 -14.16
CA ILE A 24 -10.50 -2.85 -13.97
C ILE A 24 -11.78 -3.04 -14.77
N SER A 25 -12.01 -4.21 -15.36
CA SER A 25 -13.32 -4.43 -15.95
C SER A 25 -14.36 -4.55 -14.84
N TYR A 26 -15.62 -4.35 -15.17
CA TYR A 26 -16.73 -4.51 -14.20
C TYR A 26 -16.67 -5.93 -13.60
N ALA A 27 -16.57 -6.95 -14.46
CA ALA A 27 -16.57 -8.31 -13.97
C ALA A 27 -15.40 -8.56 -13.02
N GLU A 28 -14.21 -8.06 -13.38
CA GLU A 28 -13.02 -8.22 -12.54
C GLU A 28 -13.23 -7.54 -11.19
N ALA A 29 -13.72 -6.30 -11.20
CA ALA A 29 -13.94 -5.58 -9.97
C ALA A 29 -14.95 -6.29 -9.07
N MET A 30 -16.00 -6.86 -9.69
CA MET A 30 -17.02 -7.54 -8.92
C MET A 30 -16.56 -8.84 -8.28
N GLU A 31 -15.45 -9.41 -8.79
CA GLU A 31 -14.77 -10.54 -8.17
C GLU A 31 -13.79 -10.15 -7.10
N GLY A 32 -13.55 -8.85 -6.95
CA GLY A 32 -12.59 -8.38 -5.98
C GLY A 32 -13.06 -8.62 -4.54
N GLY A 33 -12.08 -8.78 -3.66
CA GLY A 33 -12.24 -8.96 -2.23
C GLY A 33 -11.81 -7.67 -1.55
N SER A 34 -10.67 -7.71 -0.84
CA SER A 34 -10.14 -6.59 -0.09
C SER A 34 -8.73 -6.21 -0.51
N ARG A 35 -8.24 -6.81 -1.60
CA ARG A 35 -6.88 -6.53 -2.14
C ARG A 35 -7.02 -5.90 -3.51
N PRO A 36 -6.04 -5.06 -3.90
CA PRO A 36 -6.14 -4.34 -5.16
C PRO A 36 -5.98 -5.26 -6.38
N LEU A 37 -6.61 -4.84 -7.47
CA LEU A 37 -6.61 -5.58 -8.72
C LEU A 37 -5.75 -4.95 -9.82
N LEU A 38 -5.61 -3.63 -9.84
CA LEU A 38 -4.87 -2.96 -10.90
C LEU A 38 -3.36 -3.00 -10.72
N HIS A 39 -2.91 -2.76 -9.48
CA HIS A 39 -1.50 -2.74 -9.15
C HIS A 39 -1.39 -3.21 -7.70
N PRO A 40 -0.38 -4.04 -7.38
CA PRO A 40 -0.31 -4.62 -6.04
C PRO A 40 -0.14 -3.65 -4.89
N ASP A 41 0.39 -2.45 -5.14
CA ASP A 41 0.59 -1.51 -4.08
C ASP A 41 -0.53 -0.50 -3.92
N ASN A 42 -1.64 -0.69 -4.64
CA ASN A 42 -2.75 0.24 -4.48
C ASN A 42 -3.45 -0.01 -3.16
N PRO A 43 -3.74 1.06 -2.39
CA PRO A 43 -4.47 0.90 -1.15
C PRO A 43 -5.95 0.56 -1.40
N VAL A 44 -6.52 -0.17 -0.47
CA VAL A 44 -7.95 -0.45 -0.45
C VAL A 44 -8.53 0.14 0.83
N VAL A 45 -9.57 0.95 0.66
CA VAL A 45 -10.24 1.64 1.76
C VAL A 45 -11.71 1.22 1.76
N PHE A 46 -12.45 1.67 2.78
CA PHE A 46 -13.86 1.37 2.85
C PHE A 46 -14.64 2.50 3.47
N PHE A 47 -15.92 2.52 3.11
CA PHE A 47 -16.97 3.29 3.72
C PHE A 47 -18.03 2.34 4.24
N ASP A 48 -18.48 2.52 5.48
CA ASP A 48 -19.75 1.99 5.95
C ASP A 48 -20.78 3.07 5.81
N ILE A 49 -21.88 2.76 5.13
CA ILE A 49 -22.90 3.73 4.79
C ILE A 49 -24.16 3.54 5.61
N SER A 50 -24.71 4.65 6.08
N SER A 50 -24.72 4.66 6.08
CA SER A 50 -26.04 4.68 6.66
CA SER A 50 -26.05 4.68 6.67
C SER A 50 -26.97 5.50 5.78
C SER A 50 -26.97 5.50 5.78
N ILE A 51 -28.17 4.98 5.54
CA ILE A 51 -29.23 5.70 4.83
C ILE A 51 -30.26 6.00 5.91
N GLY A 52 -30.40 7.29 6.25
CA GLY A 52 -31.08 7.67 7.46
C GLY A 52 -30.31 7.09 8.63
N SER A 53 -31.01 6.32 9.46
CA SER A 53 -30.40 5.61 10.59
CA SER A 53 -30.40 5.64 10.60
C SER A 53 -30.13 4.15 10.35
N HIS A 54 -30.31 3.71 9.11
CA HIS A 54 -30.22 2.29 8.74
CA HIS A 54 -30.22 2.30 8.79
C HIS A 54 -28.90 1.95 8.07
N GLU A 55 -28.20 0.95 8.59
CA GLU A 55 -26.94 0.49 8.00
C GLU A 55 -27.24 -0.12 6.65
N ALA A 56 -26.59 0.38 5.61
CA ALA A 56 -26.82 -0.05 4.24
C ALA A 56 -25.78 -1.00 3.71
N GLY A 57 -24.65 -1.10 4.39
CA GLY A 57 -23.56 -1.94 3.98
C GLY A 57 -22.30 -1.15 3.74
N ARG A 58 -21.32 -1.87 3.19
CA ARG A 58 -19.94 -1.40 3.03
C ARG A 58 -19.61 -1.23 1.55
N ILE A 59 -18.93 -0.14 1.22
CA ILE A 59 -18.32 0.06 -0.09
C ILE A 59 -16.82 -0.05 0.14
N LYS A 60 -16.20 -1.02 -0.53
CA LYS A 60 -14.74 -1.17 -0.58
C LYS A 60 -14.24 -0.55 -1.87
N ILE A 61 -13.11 0.16 -1.79
CA ILE A 61 -12.62 0.97 -2.89
C ILE A 61 -11.12 0.78 -3.03
N GLU A 62 -10.68 0.32 -4.19
CA GLU A 62 -9.28 0.36 -4.60
C GLU A 62 -8.95 1.74 -5.11
N LEU A 63 -7.87 2.32 -4.57
CA LEU A 63 -7.39 3.62 -5.00
C LEU A 63 -6.20 3.42 -5.92
N PHE A 64 -6.25 4.00 -7.12
CA PHE A 64 -5.24 3.77 -8.14
C PHE A 64 -4.00 4.65 -7.96
N LYS A 65 -3.28 4.37 -6.88
N LYS A 65 -3.28 4.37 -6.88
CA LYS A 65 -2.01 5.02 -6.58
CA LYS A 65 -2.01 5.02 -6.58
C LYS A 65 -1.04 4.93 -7.76
C LYS A 65 -1.04 4.93 -7.76
N ASN A 66 -1.07 3.81 -8.49
CA ASN A 66 -0.16 3.62 -9.62
C ASN A 66 -0.36 4.62 -10.74
N LEU A 67 -1.60 5.12 -10.91
CA LEU A 67 -1.95 6.07 -11.97
C LEU A 67 -2.20 7.49 -11.52
N ALA A 68 -2.62 7.65 -10.25
CA ALA A 68 -3.08 8.94 -9.75
C ALA A 68 -2.67 9.00 -8.28
N PRO A 69 -1.35 9.02 -8.01
CA PRO A 69 -0.89 8.91 -6.63
C PRO A 69 -1.37 10.04 -5.71
N LYS A 70 -1.37 11.27 -6.21
CA LYS A 70 -1.78 12.37 -5.33
C LYS A 70 -3.25 12.25 -4.96
N SER A 71 -4.08 11.89 -5.95
CA SER A 71 -5.51 11.77 -5.75
C SER A 71 -5.81 10.61 -4.81
N ALA A 72 -5.09 9.51 -5.01
CA ALA A 72 -5.28 8.34 -4.15
C ALA A 72 -4.90 8.65 -2.69
N GLU A 73 -3.77 9.31 -2.48
CA GLU A 73 -3.29 9.55 -1.13
C GLU A 73 -4.20 10.52 -0.39
N ASN A 74 -4.69 11.54 -1.08
CA ASN A 74 -5.64 12.49 -0.52
C ASN A 74 -6.87 11.73 0.01
N PHE A 75 -7.46 10.90 -0.84
CA PHE A 75 -8.65 10.14 -0.45
C PHE A 75 -8.34 9.21 0.70
N ARG A 76 -7.19 8.54 0.61
CA ARG A 76 -6.79 7.54 1.63
C ARG A 76 -6.70 8.23 3.00
N GLN A 77 -6.01 9.35 3.10
CA GLN A 77 -5.89 10.02 4.39
C GLN A 77 -7.24 10.48 4.93
N PHE A 78 -8.13 10.94 4.06
CA PHE A 78 -9.45 11.33 4.51
C PHE A 78 -10.26 10.12 5.03
N CYS A 79 -9.94 8.92 4.55
CA CYS A 79 -10.57 7.72 5.10
C CYS A 79 -10.01 7.30 6.45
N THR A 80 -8.70 7.48 6.67
CA THR A 80 -8.06 6.91 7.84
C THR A 80 -7.97 7.83 9.04
N GLY A 81 -8.28 9.12 8.87
CA GLY A 81 -8.14 10.07 9.95
C GLY A 81 -6.72 10.57 10.17
N GLU A 82 -5.82 10.33 9.21
CA GLU A 82 -4.42 10.73 9.29
C GLU A 82 -4.15 12.18 8.99
N PHE A 83 -5.12 12.89 8.39
CA PHE A 83 -4.93 14.28 8.08
C PHE A 83 -5.53 15.16 9.14
N ARG A 84 -4.71 16.08 9.67
CA ARG A 84 -5.14 16.98 10.77
C ARG A 84 -5.02 18.45 10.36
N GLN A 85 -5.82 19.28 11.05
CA GLN A 85 -5.65 20.72 11.04
C GLN A 85 -5.49 21.16 12.49
N ASN A 86 -4.34 21.74 12.83
CA ASN A 86 -4.03 22.14 14.17
C ASN A 86 -4.39 21.04 15.15
N GLN A 87 -3.95 19.83 14.78
CA GLN A 87 -4.08 18.63 15.58
C GLN A 87 -5.49 18.05 15.65
N VAL A 88 -6.42 18.53 14.80
CA VAL A 88 -7.77 18.00 14.74
C VAL A 88 -7.98 17.23 13.45
N PRO A 89 -8.19 15.90 13.52
CA PRO A 89 -8.45 15.12 12.30
C PRO A 89 -9.68 15.61 11.57
N ILE A 90 -9.62 15.52 10.25
CA ILE A 90 -10.75 15.82 9.43
C ILE A 90 -10.74 14.86 8.25
N GLY A 91 -11.93 14.43 7.81
CA GLY A 91 -12.04 13.51 6.72
C GLY A 91 -13.45 13.07 6.50
N TYR A 92 -13.59 11.88 5.94
CA TYR A 92 -14.88 11.39 5.45
C TYR A 92 -15.78 10.80 6.53
N LYS A 93 -15.29 10.54 7.73
CA LYS A 93 -16.16 10.03 8.78
C LYS A 93 -17.21 11.09 9.10
N GLY A 94 -18.48 10.75 8.92
CA GLY A 94 -19.58 11.68 9.08
C GLY A 94 -19.95 12.50 7.86
N ALA A 95 -19.22 12.33 6.75
CA ALA A 95 -19.53 13.05 5.53
C ALA A 95 -20.71 12.43 4.85
N THR A 96 -21.39 13.23 4.04
CA THR A 96 -22.61 12.83 3.37
C THR A 96 -22.46 12.77 1.85
N PHE A 97 -23.46 12.15 1.21
CA PHE A 97 -23.66 12.25 -0.22
C PHE A 97 -24.77 13.28 -0.39
N HIS A 98 -24.43 14.42 -0.99
CA HIS A 98 -25.32 15.56 -1.07
C HIS A 98 -25.99 15.69 -2.43
N ARG A 99 -25.57 14.92 -3.43
CA ARG A 99 -26.09 15.08 -4.81
C ARG A 99 -26.12 13.70 -5.45
N ILE A 100 -27.33 13.23 -5.76
CA ILE A 100 -27.54 11.87 -6.22
C ILE A 100 -28.41 11.95 -7.47
N ILE A 101 -27.88 11.47 -8.59
CA ILE A 101 -28.58 11.49 -9.89
C ILE A 101 -28.64 10.09 -10.45
N LYS A 102 -29.83 9.51 -10.35
CA LYS A 102 -30.11 8.18 -10.85
C LYS A 102 -29.66 8.06 -12.29
N ASN A 103 -29.01 6.93 -12.57
CA ASN A 103 -28.48 6.58 -13.88
C ASN A 103 -27.30 7.46 -14.29
N PHE A 104 -26.70 8.19 -13.35
CA PHE A 104 -25.55 9.04 -13.65
C PHE A 104 -24.45 8.79 -12.62
N MET A 105 -24.60 9.33 -11.41
CA MET A 105 -23.58 9.20 -10.39
C MET A 105 -24.13 9.59 -9.04
N ILE A 106 -23.35 9.25 -8.00
CA ILE A 106 -23.57 9.72 -6.65
C ILE A 106 -22.35 10.54 -6.22
N GLN A 107 -22.59 11.72 -5.63
CA GLN A 107 -21.55 12.67 -5.28
C GLN A 107 -21.56 12.95 -3.80
N GLY A 108 -20.37 12.97 -3.20
CA GLY A 108 -20.23 13.25 -1.79
C GLY A 108 -18.86 13.66 -1.41
N GLY A 109 -18.61 13.64 -0.10
CA GLY A 109 -17.31 13.97 0.45
C GLY A 109 -17.11 15.41 0.83
N ASP A 110 -18.16 16.23 0.82
CA ASP A 110 -18.02 17.61 1.28
C ASP A 110 -18.14 17.65 2.79
N PHE A 111 -17.02 17.31 3.47
CA PHE A 111 -16.97 17.39 4.91
C PHE A 111 -16.81 18.81 5.43
N VAL A 112 -16.53 19.76 4.55
CA VAL A 112 -16.34 21.16 4.93
C VAL A 112 -17.69 21.80 5.23
N LYS A 113 -18.63 21.71 4.28
CA LYS A 113 -19.91 22.37 4.40
C LYS A 113 -21.10 21.47 4.24
N GLY A 114 -20.92 20.29 3.66
CA GLY A 114 -22.03 19.39 3.47
C GLY A 114 -23.01 19.75 2.36
N ASP A 115 -22.64 20.69 1.49
CA ASP A 115 -23.59 21.16 0.47
C ASP A 115 -23.04 21.19 -0.94
N GLY A 116 -21.80 20.75 -1.14
CA GLY A 116 -21.16 20.84 -2.43
C GLY A 116 -20.24 22.01 -2.64
N THR A 117 -20.25 22.98 -1.73
CA THR A 117 -19.36 24.12 -1.88
C THR A 117 -17.95 23.85 -1.34
N GLY A 118 -17.78 22.82 -0.51
CA GLY A 118 -16.56 22.62 0.21
C GLY A 118 -15.40 22.13 -0.63
N ARG A 119 -14.23 22.67 -0.34
CA ARG A 119 -12.97 22.32 -1.04
CA ARG A 119 -12.98 22.25 -1.00
C ARG A 119 -11.83 22.36 -0.02
N LEU A 120 -11.26 21.22 0.31
CA LEU A 120 -10.05 21.13 1.10
C LEU A 120 -9.37 19.84 0.68
N SER A 121 -8.04 19.88 0.56
CA SER A 121 -7.26 18.68 0.28
C SER A 121 -6.18 18.54 1.32
N ILE A 122 -5.49 17.40 1.31
CA ILE A 122 -4.37 17.24 2.23
C ILE A 122 -3.19 18.09 1.82
N TYR A 123 -3.20 18.64 0.60
CA TYR A 123 -2.08 19.43 0.04
C TYR A 123 -2.28 20.93 0.18
N GLY A 124 -3.45 21.35 0.66
CA GLY A 124 -3.79 22.75 0.69
C GLY A 124 -5.21 22.89 0.25
N SER A 125 -5.57 24.11 -0.12
CA SER A 125 -6.94 24.40 -0.51
CA SER A 125 -6.93 24.41 -0.49
C SER A 125 -7.41 23.56 -1.69
N SER A 126 -6.49 23.28 -2.62
CA SER A 126 -6.78 22.48 -3.82
C SER A 126 -5.55 21.81 -4.30
N PHE A 127 -5.72 20.88 -5.25
CA PHE A 127 -4.59 20.31 -5.94
C PHE A 127 -4.86 20.13 -7.42
N PRO A 128 -3.81 20.18 -8.26
CA PRO A 128 -4.01 20.09 -9.71
C PRO A 128 -4.51 18.72 -10.17
N ASP A 129 -5.06 18.71 -11.38
CA ASP A 129 -5.38 17.47 -12.06
C ASP A 129 -4.11 16.70 -12.36
N GLU A 130 -4.06 15.44 -11.94
CA GLU A 130 -3.09 14.49 -12.44
C GLU A 130 -3.43 14.12 -13.87
N ALA A 131 -2.60 13.27 -14.49
CA ALA A 131 -2.84 12.83 -15.83
C ALA A 131 -4.21 12.17 -15.94
N PHE A 132 -4.91 12.45 -17.03
CA PHE A 132 -6.22 11.85 -17.29
C PHE A 132 -5.99 10.55 -18.06
N VAL A 133 -5.66 9.50 -17.31
CA VAL A 133 -5.32 8.22 -17.92
C VAL A 133 -6.57 7.42 -18.19
N LEU A 134 -7.42 7.24 -17.18
CA LEU A 134 -8.59 6.40 -17.33
C LEU A 134 -9.85 7.16 -17.73
N PRO A 135 -10.67 6.56 -18.62
CA PRO A 135 -11.99 7.08 -18.96
C PRO A 135 -13.06 6.67 -17.94
N HIS A 136 -14.18 7.39 -17.99
CA HIS A 136 -15.35 7.11 -17.19
C HIS A 136 -16.22 6.09 -17.87
N PHE A 137 -15.65 4.90 -18.06
CA PHE A 137 -16.15 3.96 -19.06
C PHE A 137 -17.25 3.05 -18.58
N ARG A 138 -17.57 3.08 -17.29
CA ARG A 138 -18.56 2.16 -16.69
C ARG A 138 -19.01 2.67 -15.33
N SER A 139 -20.03 2.03 -14.80
CA SER A 139 -20.43 2.20 -13.41
C SER A 139 -19.34 1.67 -12.49
N GLY A 140 -19.32 2.19 -11.27
CA GLY A 140 -18.44 1.68 -10.23
C GLY A 140 -17.05 2.28 -10.13
N LEU A 141 -16.82 3.41 -10.82
CA LEU A 141 -15.54 4.09 -10.79
C LEU A 141 -15.60 5.29 -9.89
N LEU A 142 -14.47 5.58 -9.23
CA LEU A 142 -14.30 6.76 -8.36
CA LEU A 142 -14.31 6.74 -8.35
C LEU A 142 -13.59 7.83 -9.15
N SER A 143 -14.13 9.04 -9.11
CA SER A 143 -13.58 10.16 -9.84
C SER A 143 -13.69 11.44 -9.00
N LEU A 144 -12.83 12.40 -9.32
CA LEU A 144 -12.78 13.64 -8.55
C LEU A 144 -13.82 14.63 -9.06
N ALA A 145 -14.64 15.17 -8.17
CA ALA A 145 -15.45 16.34 -8.42
C ALA A 145 -14.57 17.56 -8.39
N ASN A 146 -14.93 18.63 -9.11
CA ASN A 146 -14.09 19.83 -9.11
C ASN A 146 -14.94 21.02 -9.53
N SER A 147 -14.27 22.17 -9.69
N SER A 147 -14.27 22.17 -9.68
CA SER A 147 -14.88 23.39 -10.17
CA SER A 147 -14.89 23.39 -10.16
C SER A 147 -14.10 23.92 -11.35
C SER A 147 -14.16 23.93 -11.38
N GLY A 148 -13.72 23.00 -12.26
CA GLY A 148 -12.95 23.34 -13.42
C GLY A 148 -11.50 22.89 -13.27
N PRO A 149 -10.61 23.29 -14.19
CA PRO A 149 -9.25 22.76 -14.18
C PRO A 149 -8.51 23.02 -12.86
N ASP A 150 -7.83 22.00 -12.36
CA ASP A 150 -6.91 22.13 -11.23
C ASP A 150 -7.57 22.68 -9.98
N THR A 151 -8.73 22.13 -9.63
CA THR A 151 -9.49 22.56 -8.45
C THR A 151 -10.00 21.36 -7.61
N ASN A 152 -9.21 20.27 -7.58
CA ASN A 152 -9.57 19.13 -6.78
C ASN A 152 -9.43 19.46 -5.29
N GLY A 153 -10.30 18.85 -4.48
CA GLY A 153 -10.31 19.07 -3.06
C GLY A 153 -10.58 17.78 -2.32
N CYS A 154 -11.81 17.68 -1.80
CA CYS A 154 -12.26 16.54 -1.01
C CYS A 154 -13.42 15.78 -1.65
N GLN A 155 -14.19 16.44 -2.51
CA GLN A 155 -15.36 15.78 -3.07
C GLN A 155 -15.01 14.78 -4.17
N PHE A 156 -15.90 13.82 -4.32
CA PHE A 156 -15.75 12.74 -5.27
C PHE A 156 -17.10 12.33 -5.77
N PHE A 157 -17.09 11.48 -6.80
CA PHE A 157 -18.30 10.81 -7.24
C PHE A 157 -17.99 9.38 -7.58
N ILE A 158 -19.01 8.54 -7.45
CA ILE A 158 -18.96 7.16 -7.89
C ILE A 158 -19.92 7.04 -9.09
N THR A 159 -19.40 6.57 -10.22
CA THR A 159 -20.22 6.49 -11.41
C THR A 159 -21.28 5.40 -11.26
N CYS A 160 -22.48 5.74 -11.79
CA CYS A 160 -23.62 4.83 -11.85
C CYS A 160 -23.99 4.45 -13.27
N ALA A 161 -23.18 4.91 -14.22
CA ALA A 161 -23.26 4.58 -15.63
C ALA A 161 -21.98 5.08 -16.25
N LYS A 162 -21.73 4.68 -17.50
CA LYS A 162 -20.69 5.30 -18.27
C LYS A 162 -20.99 6.79 -18.39
N CYS A 163 -19.94 7.60 -18.36
CA CYS A 163 -20.07 9.05 -18.44
C CYS A 163 -18.85 9.66 -19.08
N ASP A 164 -18.53 9.19 -20.28
CA ASP A 164 -17.31 9.56 -20.95
C ASP A 164 -17.22 11.07 -21.34
N TRP A 165 -18.34 11.79 -21.31
CA TRP A 165 -18.31 13.23 -21.50
C TRP A 165 -17.52 13.94 -20.40
N LEU A 166 -17.24 13.25 -19.29
CA LEU A 166 -16.43 13.80 -18.20
C LEU A 166 -14.94 13.54 -18.40
N ASN A 167 -14.57 12.77 -19.42
CA ASN A 167 -13.19 12.42 -19.65
C ASN A 167 -12.36 13.65 -19.89
N ARG A 168 -11.14 13.65 -19.33
CA ARG A 168 -10.15 14.74 -19.48
C ARG A 168 -10.61 15.99 -18.72
N LYS A 169 -11.67 15.90 -17.91
CA LYS A 169 -12.01 16.97 -16.99
C LYS A 169 -12.04 16.53 -15.53
N HIS A 170 -12.13 15.22 -15.28
CA HIS A 170 -12.15 14.65 -13.95
C HIS A 170 -11.24 13.44 -13.97
N VAL A 171 -10.38 13.34 -12.93
CA VAL A 171 -9.47 12.21 -12.80
C VAL A 171 -10.18 11.04 -12.18
N VAL A 172 -10.22 9.92 -12.93
CA VAL A 172 -10.68 8.65 -12.43
C VAL A 172 -9.53 8.01 -11.63
N PHE A 173 -9.77 7.77 -10.34
CA PHE A 173 -8.68 7.38 -9.47
C PHE A 173 -8.99 6.16 -8.61
N GLY A 174 -10.08 5.44 -8.84
CA GLY A 174 -10.33 4.23 -8.11
C GLY A 174 -11.51 3.46 -8.64
N GLN A 175 -11.79 2.32 -8.02
CA GLN A 175 -12.91 1.49 -8.37
C GLN A 175 -13.46 0.80 -7.13
N VAL A 176 -14.78 0.63 -7.06
CA VAL A 176 -15.36 -0.17 -6.01
C VAL A 176 -15.10 -1.65 -6.25
N LEU A 177 -14.94 -2.41 -5.17
CA LEU A 177 -14.62 -3.84 -5.22
C LEU A 177 -15.71 -4.68 -4.63
N GLY A 178 -16.12 -5.71 -5.39
CA GLY A 178 -17.07 -6.71 -4.95
C GLY A 178 -18.52 -6.31 -5.15
N LYS A 179 -19.37 -7.33 -5.16
CA LYS A 179 -20.78 -7.12 -5.43
C LYS A 179 -21.50 -6.30 -4.39
N GLU A 180 -21.19 -6.50 -3.09
CA GLU A 180 -21.86 -5.72 -2.05
C GLU A 180 -21.61 -4.24 -2.28
N SER A 181 -20.37 -3.89 -2.61
CA SER A 181 -20.05 -2.49 -2.85
C SER A 181 -21.01 -1.87 -3.88
N MET A 182 -21.17 -2.55 -5.01
CA MET A 182 -22.06 -2.03 -6.04
C MET A 182 -23.51 -2.03 -5.60
N GLN A 183 -23.93 -3.02 -4.82
CA GLN A 183 -25.29 -3.02 -4.31
C GLN A 183 -25.53 -1.77 -3.46
N VAL A 184 -24.55 -1.37 -2.65
CA VAL A 184 -24.71 -0.20 -1.80
C VAL A 184 -24.79 1.05 -2.68
N VAL A 185 -23.92 1.15 -3.69
CA VAL A 185 -23.96 2.25 -4.63
C VAL A 185 -25.35 2.36 -5.24
N ARG A 186 -25.89 1.24 -5.72
CA ARG A 186 -27.24 1.24 -6.34
C ARG A 186 -28.31 1.67 -5.33
N LYS A 187 -28.20 1.25 -4.08
CA LYS A 187 -29.17 1.66 -3.09
C LYS A 187 -29.13 3.19 -2.92
N ILE A 188 -27.93 3.74 -2.76
CA ILE A 188 -27.78 5.19 -2.62
C ILE A 188 -28.39 5.91 -3.84
N GLU A 189 -28.04 5.40 -5.03
CA GLU A 189 -28.44 6.00 -6.28
C GLU A 189 -29.95 6.16 -6.42
N HIS A 190 -30.70 5.24 -5.80
CA HIS A 190 -32.13 5.20 -5.99
C HIS A 190 -32.93 5.81 -4.86
N VAL A 191 -32.30 6.50 -3.91
CA VAL A 191 -33.08 7.14 -2.89
C VAL A 191 -33.83 8.36 -3.43
N THR A 192 -34.92 8.72 -2.76
CA THR A 192 -35.70 9.86 -3.19
C THR A 192 -34.88 11.14 -3.03
N VAL A 193 -34.95 12.04 -4.02
CA VAL A 193 -34.26 13.30 -4.03
C VAL A 193 -35.25 14.41 -4.28
N ASP A 194 -34.86 15.62 -3.87
CA ASP A 194 -35.61 16.83 -4.20
C ASP A 194 -35.26 17.31 -5.60
N GLY A 195 -35.80 18.48 -5.98
CA GLY A 195 -35.59 19.07 -7.28
C GLY A 195 -34.16 19.47 -7.61
N GLY A 196 -33.33 19.61 -6.58
CA GLY A 196 -31.92 19.87 -6.74
C GLY A 196 -31.05 18.63 -6.59
N ASN A 197 -31.68 17.45 -6.61
CA ASN A 197 -31.00 16.17 -6.49
C ASN A 197 -30.33 15.93 -5.17
N ARG A 198 -30.81 16.62 -4.13
CA ARG A 198 -30.35 16.37 -2.75
C ARG A 198 -31.24 15.29 -2.15
N PRO A 199 -30.68 14.28 -1.46
CA PRO A 199 -31.52 13.25 -0.89
C PRO A 199 -32.46 13.82 0.15
N ARG A 200 -33.66 13.29 0.21
CA ARG A 200 -34.63 13.72 1.25
C ARG A 200 -34.23 13.18 2.63
N ILE A 201 -33.57 12.03 2.66
CA ILE A 201 -33.11 11.39 3.87
C ILE A 201 -31.59 11.29 3.75
N PRO A 202 -30.83 11.67 4.79
CA PRO A 202 -29.38 11.73 4.64
C PRO A 202 -28.72 10.38 4.32
N VAL A 203 -27.63 10.46 3.56
CA VAL A 203 -26.80 9.31 3.23
C VAL A 203 -25.41 9.64 3.75
N THR A 204 -24.93 8.88 4.74
CA THR A 204 -23.74 9.25 5.50
C THR A 204 -22.72 8.14 5.53
N VAL A 205 -21.44 8.51 5.46
CA VAL A 205 -20.33 7.62 5.74
C VAL A 205 -20.16 7.59 7.24
N THR A 206 -20.65 6.54 7.89
CA THR A 206 -20.58 6.47 9.34
C THR A 206 -19.26 5.98 9.85
N GLN A 207 -18.53 5.18 9.08
CA GLN A 207 -17.21 4.69 9.41
CA GLN A 207 -17.19 4.70 9.41
C GLN A 207 -16.41 4.60 8.12
N CYS A 208 -15.10 4.75 8.20
CA CYS A 208 -14.23 4.59 7.05
C CYS A 208 -12.83 4.27 7.52
N GLY A 209 -12.03 3.71 6.61
CA GLY A 209 -10.68 3.29 6.99
C GLY A 209 -9.99 2.57 5.86
N GLU A 210 -8.85 1.96 6.18
CA GLU A 210 -8.04 1.23 5.23
C GLU A 210 -8.01 -0.25 5.59
N LEU A 211 -8.09 -1.09 4.54
CA LEU A 211 -8.03 -2.55 4.65
C LEU A 211 -6.63 -3.13 4.36
N SER B 12 18.08 11.49 20.41
CA SER B 12 18.31 10.47 19.35
C SER B 12 16.99 10.01 18.73
N SER B 13 17.02 9.77 17.41
CA SER B 13 15.92 9.10 16.71
C SER B 13 15.74 7.65 17.18
N LEU B 14 16.79 7.02 17.73
CA LEU B 14 16.76 5.60 18.05
C LEU B 14 15.90 5.36 19.27
N LEU B 15 14.85 4.55 19.12
CA LEU B 15 13.93 4.22 20.20
C LEU B 15 14.54 3.15 21.10
N SER B 16 14.39 3.34 22.42
CA SER B 16 14.70 2.25 23.34
C SER B 16 13.61 1.19 23.27
N GLU B 17 13.89 -0.03 23.79
CA GLU B 17 12.88 -1.08 23.80
C GLU B 17 11.60 -0.68 24.49
N SER B 18 11.72 0.11 25.55
CA SER B 18 10.55 0.58 26.26
C SER B 18 9.71 1.59 25.48
N GLU B 19 10.29 2.17 24.41
CA GLU B 19 9.64 3.19 23.59
C GLU B 19 9.10 2.68 22.26
N LEU B 20 9.16 1.37 22.03
CA LEU B 20 8.81 0.83 20.72
C LEU B 20 7.32 1.00 20.46
N PRO B 21 6.93 1.24 19.19
CA PRO B 21 5.52 1.34 18.83
C PRO B 21 4.82 -0.02 18.91
N ALA B 22 3.50 0.04 19.03
CA ALA B 22 2.67 -1.15 19.03
C ALA B 22 2.82 -1.88 17.69
N GLY B 23 2.80 -3.21 17.74
CA GLY B 23 2.78 -4.03 16.55
C GLY B 23 4.07 -4.65 16.11
N ILE B 24 5.16 -4.44 16.86
CA ILE B 24 6.46 -4.95 16.49
C ILE B 24 7.11 -5.86 17.49
N SER B 25 6.41 -6.26 18.56
CA SER B 25 6.99 -7.27 19.44
C SER B 25 7.05 -8.61 18.70
N TYR B 26 7.92 -9.51 19.17
CA TYR B 26 8.02 -10.86 18.56
C TYR B 26 6.63 -11.53 18.59
N ALA B 27 5.97 -11.50 19.74
CA ALA B 27 4.67 -12.15 19.87
C ALA B 27 3.64 -11.57 18.91
N GLU B 28 3.63 -10.24 18.78
CA GLU B 28 2.71 -9.59 17.87
C GLU B 28 2.99 -9.98 16.43
N ALA B 29 4.26 -9.96 16.03
CA ALA B 29 4.62 -10.30 14.65
C ALA B 29 4.25 -11.74 14.35
N MET B 30 4.45 -12.63 15.32
CA MET B 30 4.14 -14.05 15.12
C MET B 30 2.63 -14.33 14.98
N GLU B 31 1.79 -13.40 15.45
CA GLU B 31 0.34 -13.46 15.23
C GLU B 31 -0.09 -12.83 13.91
N GLY B 32 0.85 -12.17 13.23
CA GLY B 32 0.55 -11.50 11.99
C GLY B 32 0.22 -12.44 10.86
N GLY B 33 -0.59 -11.93 9.94
CA GLY B 33 -1.11 -12.65 8.79
C GLY B 33 -0.48 -12.07 7.54
N SER B 34 -1.30 -11.41 6.71
CA SER B 34 -0.87 -10.82 5.45
CA SER B 34 -0.90 -10.82 5.44
C SER B 34 -1.15 -9.31 5.38
N ARG B 35 -1.58 -8.74 6.51
CA ARG B 35 -1.84 -7.29 6.65
C ARG B 35 -0.84 -6.74 7.66
N PRO B 36 -0.45 -5.47 7.47
CA PRO B 36 0.57 -4.86 8.31
C PRO B 36 0.08 -4.64 9.75
N LEU B 37 1.02 -4.64 10.68
CA LEU B 37 0.75 -4.44 12.09
C LEU B 37 1.14 -3.06 12.62
N LEU B 38 2.16 -2.42 12.03
CA LEU B 38 2.63 -1.14 12.57
C LEU B 38 1.84 0.07 12.06
N HIS B 39 1.43 0.05 10.80
CA HIS B 39 0.68 1.14 10.19
C HIS B 39 -0.17 0.50 9.09
N PRO B 40 -1.45 0.92 8.94
CA PRO B 40 -2.32 0.27 7.96
C PRO B 40 -1.86 0.37 6.50
N ASP B 41 -1.06 1.36 6.15
CA ASP B 41 -0.64 1.51 4.77
C ASP B 41 0.73 0.90 4.49
N ASN B 42 1.29 0.15 5.45
CA ASN B 42 2.55 -0.53 5.18
C ASN B 42 2.35 -1.68 4.23
N PRO B 43 3.20 -1.82 3.20
CA PRO B 43 3.12 -2.98 2.33
C PRO B 43 3.53 -4.26 3.05
N VAL B 44 2.94 -5.37 2.61
CA VAL B 44 3.37 -6.70 2.99
C VAL B 44 3.79 -7.44 1.73
N VAL B 45 5.01 -7.98 1.74
CA VAL B 45 5.62 -8.70 0.62
C VAL B 45 5.92 -10.12 1.04
N PHE B 46 6.31 -10.95 0.07
CA PHE B 46 6.68 -12.30 0.37
C PHE B 46 7.81 -12.80 -0.49
N PHE B 47 8.53 -13.79 0.07
CA PHE B 47 9.48 -14.61 -0.62
C PHE B 47 9.03 -16.07 -0.49
N ASP B 48 9.00 -16.80 -1.61
CA ASP B 48 8.98 -18.25 -1.58
C ASP B 48 10.44 -18.71 -1.64
N ILE B 49 10.85 -19.52 -0.67
CA ILE B 49 12.21 -19.95 -0.50
C ILE B 49 12.35 -21.41 -0.89
N SER B 50 13.39 -21.70 -1.66
CA SER B 50 13.85 -23.05 -1.91
CA SER B 50 13.86 -23.05 -1.89
C SER B 50 15.25 -23.20 -1.32
N ILE B 51 15.48 -24.32 -0.64
CA ILE B 51 16.79 -24.71 -0.16
C ILE B 51 17.21 -25.87 -1.04
N GLY B 52 18.25 -25.64 -1.84
CA GLY B 52 18.48 -26.42 -3.02
C GLY B 52 17.24 -26.49 -3.91
N SER B 53 16.73 -27.69 -4.13
CA SER B 53 15.53 -27.89 -4.95
C SER B 53 14.26 -28.07 -4.12
N HIS B 54 14.41 -28.03 -2.81
N HIS B 54 14.39 -27.97 -2.79
CA HIS B 54 13.32 -28.31 -1.90
CA HIS B 54 13.36 -28.32 -1.83
C HIS B 54 12.64 -27.03 -1.41
C HIS B 54 12.62 -27.11 -1.25
N GLU B 55 11.34 -26.92 -1.62
CA GLU B 55 10.55 -25.80 -1.12
C GLU B 55 10.66 -25.79 0.39
N ALA B 56 11.10 -24.67 0.95
CA ALA B 56 11.20 -24.50 2.39
C ALA B 56 10.02 -23.82 3.02
N GLY B 57 9.32 -23.02 2.23
CA GLY B 57 8.15 -22.29 2.65
C GLY B 57 8.27 -20.84 2.29
N ARG B 58 7.36 -20.06 2.84
CA ARG B 58 7.17 -18.64 2.49
C ARG B 58 7.54 -17.76 3.68
N ILE B 59 8.24 -16.66 3.40
CA ILE B 59 8.50 -15.63 4.38
C ILE B 59 7.64 -14.43 3.94
N LYS B 60 6.73 -13.99 4.83
CA LYS B 60 5.97 -12.76 4.66
C LYS B 60 6.64 -11.67 5.46
N ILE B 61 6.67 -10.45 4.89
CA ILE B 61 7.41 -9.36 5.48
C ILE B 61 6.61 -8.09 5.39
N GLU B 62 6.36 -7.44 6.53
CA GLU B 62 5.83 -6.09 6.57
C GLU B 62 6.98 -5.12 6.39
N LEU B 63 6.81 -4.17 5.48
CA LEU B 63 7.80 -3.13 5.25
C LEU B 63 7.31 -1.84 5.87
N PHE B 64 8.16 -1.25 6.72
CA PHE B 64 7.76 -0.10 7.53
C PHE B 64 7.88 1.20 6.74
N LYS B 65 7.00 1.35 5.74
N LYS B 65 6.99 1.36 5.75
CA LYS B 65 6.89 2.58 4.97
CA LYS B 65 6.88 2.59 4.99
C LYS B 65 6.71 3.82 5.91
C LYS B 65 6.70 3.81 5.91
N ASN B 66 5.99 3.62 7.01
CA ASN B 66 5.73 4.72 7.94
C ASN B 66 6.98 5.27 8.61
N LEU B 67 8.02 4.44 8.76
CA LEU B 67 9.27 4.82 9.40
C LEU B 67 10.46 4.99 8.46
N ALA B 68 10.45 4.26 7.34
CA ALA B 68 11.61 4.17 6.44
C ALA B 68 11.07 4.03 5.03
N PRO B 69 10.41 5.09 4.52
CA PRO B 69 9.71 4.95 3.25
C PRO B 69 10.63 4.64 2.06
N LYS B 70 11.81 5.26 1.99
CA LYS B 70 12.68 5.03 0.85
C LYS B 70 13.17 3.58 0.84
N SER B 71 13.52 3.07 2.03
CA SER B 71 14.05 1.73 2.16
C SER B 71 12.94 0.71 1.84
N ALA B 72 11.74 0.98 2.36
CA ALA B 72 10.60 0.10 2.09
C ALA B 72 10.28 0.02 0.59
N GLU B 73 10.25 1.18 -0.09
CA GLU B 73 9.85 1.20 -1.47
C GLU B 73 10.87 0.51 -2.38
N ASN B 74 12.16 0.70 -2.07
CA ASN B 74 13.22 0.03 -2.80
C ASN B 74 13.02 -1.50 -2.73
N PHE B 75 12.87 -2.01 -1.51
CA PHE B 75 12.68 -3.44 -1.29
C PHE B 75 11.42 -3.91 -1.99
N ARG B 76 10.34 -3.14 -1.86
CA ARG B 76 9.05 -3.51 -2.43
C ARG B 76 9.17 -3.68 -3.95
N GLN B 77 9.77 -2.72 -4.64
CA GLN B 77 9.90 -2.81 -6.08
C GLN B 77 10.75 -4.01 -6.48
N PHE B 78 11.80 -4.32 -5.72
CA PHE B 78 12.59 -5.49 -6.03
C PHE B 78 11.80 -6.79 -5.83
N CYS B 79 10.79 -6.79 -4.95
CA CYS B 79 9.93 -7.93 -4.78
C CYS B 79 8.96 -8.14 -5.93
N THR B 80 8.46 -7.05 -6.52
CA THR B 80 7.38 -7.15 -7.47
C THR B 80 7.85 -7.22 -8.91
N GLY B 81 9.13 -6.93 -9.17
CA GLY B 81 9.61 -6.90 -10.54
C GLY B 81 9.31 -5.61 -11.29
N GLU B 82 8.92 -4.56 -10.57
CA GLU B 82 8.53 -3.27 -11.14
C GLU B 82 9.66 -2.41 -11.65
N PHE B 83 10.87 -2.65 -11.14
CA PHE B 83 12.00 -1.80 -11.47
C PHE B 83 12.77 -2.38 -12.63
N ARG B 84 13.08 -1.54 -13.62
CA ARG B 84 13.83 -1.94 -14.82
C ARG B 84 15.18 -1.23 -14.87
N GLN B 85 16.22 -1.99 -15.22
CA GLN B 85 17.54 -1.48 -15.47
C GLN B 85 17.85 -1.77 -16.93
N ASN B 86 18.23 -0.71 -17.65
CA ASN B 86 18.43 -0.76 -19.08
C ASN B 86 17.25 -1.50 -19.71
N GLN B 87 16.04 -1.15 -19.24
CA GLN B 87 14.76 -1.62 -19.77
C GLN B 87 14.45 -3.11 -19.51
N VAL B 88 15.19 -3.75 -18.59
CA VAL B 88 15.01 -5.16 -18.21
C VAL B 88 14.61 -5.24 -16.73
N PRO B 89 13.55 -5.95 -16.31
CA PRO B 89 13.21 -6.04 -14.90
C PRO B 89 14.34 -6.70 -14.10
N ILE B 90 14.53 -6.20 -12.89
CA ILE B 90 15.57 -6.69 -12.03
C ILE B 90 15.06 -6.65 -10.60
N GLY B 91 15.43 -7.64 -9.81
CA GLY B 91 14.98 -7.69 -8.43
C GLY B 91 15.30 -9.00 -7.77
N TYR B 92 14.50 -9.35 -6.76
CA TYR B 92 14.80 -10.50 -5.90
C TYR B 92 14.36 -11.84 -6.46
N LYS B 93 13.59 -11.89 -7.53
CA LYS B 93 13.23 -13.18 -8.11
C LYS B 93 14.49 -13.86 -8.60
N GLY B 94 14.79 -15.04 -8.05
CA GLY B 94 15.99 -15.77 -8.36
C GLY B 94 17.22 -15.40 -7.58
N ALA B 95 17.10 -14.42 -6.68
CA ALA B 95 18.20 -14.02 -5.84
C ALA B 95 18.35 -14.98 -4.69
N THR B 96 19.45 -14.83 -3.96
CA THR B 96 19.85 -15.80 -2.96
C THR B 96 20.20 -15.17 -1.64
N PHE B 97 20.30 -16.03 -0.62
CA PHE B 97 20.96 -15.69 0.64
C PHE B 97 22.39 -16.22 0.57
N HIS B 98 23.36 -15.31 0.44
CA HIS B 98 24.76 -15.67 0.19
C HIS B 98 25.64 -15.70 1.43
N ARG B 99 25.14 -15.22 2.57
CA ARG B 99 25.97 -15.15 3.78
C ARG B 99 25.07 -15.45 4.98
N ILE B 100 25.34 -16.56 5.65
CA ILE B 100 24.48 -17.10 6.68
C ILE B 100 25.33 -17.39 7.89
N ILE B 101 25.00 -16.74 9.01
CA ILE B 101 25.75 -16.89 10.27
C ILE B 101 24.79 -17.28 11.36
N LYS B 102 24.83 -18.57 11.73
CA LYS B 102 23.94 -19.13 12.75
C LYS B 102 24.05 -18.30 14.03
N ASN B 103 22.90 -18.03 14.64
CA ASN B 103 22.77 -17.25 15.87
C ASN B 103 23.09 -15.77 15.67
N PHE B 104 23.13 -15.31 14.42
CA PHE B 104 23.37 -13.91 14.12
C PHE B 104 22.34 -13.40 13.11
N MET B 105 22.49 -13.75 11.84
CA MET B 105 21.59 -13.23 10.80
C MET B 105 21.76 -14.03 9.51
N ILE B 106 20.82 -13.83 8.59
CA ILE B 106 20.92 -14.31 7.21
C ILE B 106 20.90 -13.09 6.29
N GLN B 107 21.84 -13.07 5.33
CA GLN B 107 22.05 -11.94 4.45
C GLN B 107 21.84 -12.38 3.01
N GLY B 108 21.15 -11.53 2.25
CA GLY B 108 20.88 -11.82 0.87
C GLY B 108 20.52 -10.62 0.05
N GLY B 109 19.95 -10.90 -1.14
CA GLY B 109 19.47 -9.86 -2.01
C GLY B 109 20.47 -9.27 -2.99
N ASP B 110 21.65 -9.88 -3.10
CA ASP B 110 22.64 -9.42 -4.10
C ASP B 110 22.28 -10.06 -5.44
N PHE B 111 21.30 -9.46 -6.11
CA PHE B 111 20.91 -9.94 -7.42
C PHE B 111 21.87 -9.50 -8.52
N VAL B 112 22.81 -8.61 -8.21
CA VAL B 112 23.76 -8.13 -9.17
C VAL B 112 24.88 -9.15 -9.39
N LYS B 113 25.49 -9.58 -8.29
CA LYS B 113 26.68 -10.44 -8.32
C LYS B 113 26.52 -11.75 -7.58
N GLY B 114 25.50 -11.87 -6.72
CA GLY B 114 25.26 -13.08 -5.97
C GLY B 114 26.24 -13.43 -4.87
N ASP B 115 27.10 -12.49 -4.47
CA ASP B 115 28.20 -12.81 -3.58
C ASP B 115 28.49 -11.78 -2.52
N GLY B 116 27.68 -10.72 -2.46
CA GLY B 116 27.89 -9.66 -1.49
C GLY B 116 28.56 -8.45 -2.03
N THR B 117 29.15 -8.52 -3.23
CA THR B 117 29.82 -7.38 -3.80
C THR B 117 28.88 -6.44 -4.54
N GLY B 118 27.64 -6.89 -4.82
CA GLY B 118 26.73 -6.14 -5.67
C GLY B 118 25.94 -5.09 -4.94
N ARG B 119 25.71 -3.98 -5.65
CA ARG B 119 24.92 -2.85 -5.09
C ARG B 119 24.18 -2.13 -6.22
N LEU B 120 22.87 -2.04 -6.09
CA LEU B 120 22.02 -1.26 -6.96
C LEU B 120 20.77 -0.95 -6.17
N SER B 121 20.19 0.22 -6.41
CA SER B 121 18.92 0.58 -5.81
C SER B 121 18.02 1.16 -6.88
N ILE B 122 16.75 1.36 -6.53
CA ILE B 122 15.82 2.00 -7.45
C ILE B 122 16.13 3.49 -7.62
N TYR B 123 17.02 4.04 -6.78
CA TYR B 123 17.37 5.48 -6.78
C TYR B 123 18.70 5.75 -7.49
N GLY B 124 19.41 4.71 -7.91
CA GLY B 124 20.76 4.87 -8.42
C GLY B 124 21.66 3.85 -7.78
N SER B 125 22.98 4.06 -7.86
CA SER B 125 23.92 3.06 -7.39
C SER B 125 23.79 2.77 -5.90
N SER B 126 23.44 3.81 -5.14
CA SER B 126 23.24 3.71 -3.69
C SER B 126 22.19 4.70 -3.25
N PHE B 127 21.75 4.58 -2.00
CA PHE B 127 20.91 5.59 -1.40
C PHE B 127 21.25 5.83 0.05
N PRO B 128 21.01 7.07 0.55
CA PRO B 128 21.39 7.40 1.91
C PRO B 128 20.61 6.64 3.00
N ASP B 129 21.21 6.60 4.18
CA ASP B 129 20.52 6.13 5.36
C ASP B 129 19.36 7.04 5.70
N GLU B 130 18.18 6.45 5.87
CA GLU B 130 17.07 7.13 6.54
C GLU B 130 17.36 7.18 8.04
N ALA B 131 16.43 7.78 8.78
CA ALA B 131 16.57 7.88 10.21
C ALA B 131 16.70 6.50 10.84
N PHE B 132 17.58 6.39 11.84
CA PHE B 132 17.77 5.12 12.55
C PHE B 132 16.79 5.10 13.74
N VAL B 133 15.54 4.77 13.44
CA VAL B 133 14.47 4.78 14.42
C VAL B 133 14.46 3.50 15.25
N LEU B 134 14.48 2.34 14.57
CA LEU B 134 14.33 1.09 15.28
C LEU B 134 15.67 0.43 15.57
N PRO B 135 15.82 -0.18 16.76
CA PRO B 135 16.99 -0.99 17.08
C PRO B 135 16.83 -2.44 16.59
N HIS B 136 17.98 -3.12 16.55
CA HIS B 136 18.05 -4.53 16.14
C HIS B 136 17.80 -5.41 17.37
N PHE B 137 16.58 -5.27 17.91
CA PHE B 137 16.31 -5.71 19.28
C PHE B 137 15.94 -7.18 19.42
N ARG B 138 15.70 -7.88 18.31
CA ARG B 138 15.20 -9.27 18.36
C ARG B 138 15.43 -9.93 17.00
N SER B 139 15.24 -11.24 16.97
CA SER B 139 15.15 -12.01 15.76
CA SER B 139 15.17 -11.98 15.74
C SER B 139 13.93 -11.57 14.95
N GLY B 140 14.01 -11.76 13.64
CA GLY B 140 12.88 -11.55 12.76
C GLY B 140 12.70 -10.15 12.18
N LEU B 141 13.73 -9.30 12.28
CA LEU B 141 13.72 -7.95 11.76
C LEU B 141 14.47 -7.89 10.43
N LEU B 142 13.98 -7.05 9.52
CA LEU B 142 14.61 -6.79 8.23
C LEU B 142 15.41 -5.50 8.33
N SER B 143 16.67 -5.55 7.89
CA SER B 143 17.57 -4.41 7.99
C SER B 143 18.47 -4.32 6.76
N LEU B 144 18.97 -3.13 6.49
CA LEU B 144 19.79 -2.89 5.30
C LEU B 144 21.25 -3.28 5.53
N ALA B 145 21.81 -4.12 4.67
CA ALA B 145 23.25 -4.31 4.59
C ALA B 145 23.86 -3.12 3.88
N ASN B 146 25.12 -2.76 4.20
CA ASN B 146 25.75 -1.63 3.51
C ASN B 146 27.26 -1.76 3.65
N SER B 147 27.98 -0.71 3.23
N SER B 147 28.01 -0.73 3.27
CA SER B 147 29.43 -0.67 3.33
CA SER B 147 29.46 -0.72 3.46
C SER B 147 29.93 0.52 4.17
C SER B 147 29.91 0.53 4.14
N GLY B 148 29.07 1.05 5.06
CA GLY B 148 29.35 2.25 5.78
C GLY B 148 28.26 3.27 5.50
N PRO B 149 28.42 4.50 6.02
CA PRO B 149 27.34 5.49 5.90
C PRO B 149 26.89 5.73 4.45
N ASP B 150 25.58 5.80 4.27
CA ASP B 150 24.96 6.18 3.01
C ASP B 150 25.40 5.34 1.81
N THR B 151 25.38 4.01 1.98
CA THR B 151 25.74 3.07 0.92
C THR B 151 24.74 1.93 0.78
N ASN B 152 23.45 2.22 1.01
CA ASN B 152 22.42 1.20 0.84
C ASN B 152 22.19 0.90 -0.64
N GLY B 153 21.81 -0.33 -0.94
CA GLY B 153 21.55 -0.76 -2.29
C GLY B 153 20.44 -1.75 -2.35
N CYS B 154 20.77 -3.01 -2.61
CA CYS B 154 19.80 -4.08 -2.76
C CYS B 154 19.88 -5.14 -1.67
N GLN B 155 21.04 -5.27 -1.03
CA GLN B 155 21.21 -6.30 -0.03
C GLN B 155 20.49 -5.95 1.29
N PHE B 156 20.16 -7.01 2.02
CA PHE B 156 19.44 -6.92 3.28
C PHE B 156 19.85 -8.08 4.14
N PHE B 157 19.42 -8.03 5.41
CA PHE B 157 19.54 -9.17 6.27
C PHE B 157 18.30 -9.29 7.13
N ILE B 158 18.05 -10.51 7.59
CA ILE B 158 16.99 -10.81 8.55
C ILE B 158 17.71 -11.26 9.83
N THR B 159 17.41 -10.59 10.95
CA THR B 159 18.06 -10.93 12.19
C THR B 159 17.64 -12.31 12.68
N CYS B 160 18.61 -13.03 13.24
CA CYS B 160 18.38 -14.32 13.86
C CYS B 160 18.67 -14.31 15.36
N ALA B 161 18.96 -13.12 15.89
CA ALA B 161 19.20 -12.83 17.31
C ALA B 161 19.16 -11.34 17.45
N LYS B 162 19.09 -10.87 18.70
CA LYS B 162 19.35 -9.50 19.01
C LYS B 162 20.77 -9.16 18.56
N CYS B 163 20.95 -7.97 18.00
CA CYS B 163 22.26 -7.57 17.45
C CYS B 163 22.39 -6.07 17.47
N ASP B 164 22.27 -5.51 18.68
CA ASP B 164 22.21 -4.05 18.84
C ASP B 164 23.52 -3.32 18.54
N TRP B 165 24.62 -4.06 18.37
CA TRP B 165 25.86 -3.43 17.91
C TRP B 165 25.73 -2.89 16.48
N LEU B 166 24.67 -3.28 15.76
CA LEU B 166 24.39 -2.79 14.43
C LEU B 166 23.57 -1.48 14.45
N ASN B 167 23.08 -1.09 15.63
CA ASN B 167 22.25 0.08 15.73
C ASN B 167 22.95 1.33 15.22
N ARG B 168 22.21 2.19 14.54
CA ARG B 168 22.70 3.50 14.02
C ARG B 168 23.71 3.29 12.89
N LYS B 169 23.88 2.06 12.41
CA LYS B 169 24.69 1.79 11.23
C LYS B 169 23.89 1.13 10.12
N HIS B 170 22.74 0.52 10.45
CA HIS B 170 21.87 -0.16 9.51
C HIS B 170 20.45 0.22 9.85
N VAL B 171 19.64 0.57 8.83
CA VAL B 171 18.25 0.91 9.03
C VAL B 171 17.40 -0.35 9.09
N VAL B 172 16.72 -0.54 10.22
CA VAL B 172 15.72 -1.58 10.38
C VAL B 172 14.41 -1.09 9.75
N PHE B 173 13.94 -1.81 8.74
CA PHE B 173 12.83 -1.31 7.93
C PHE B 173 11.70 -2.30 7.71
N GLY B 174 11.68 -3.43 8.42
CA GLY B 174 10.57 -4.35 8.31
C GLY B 174 10.64 -5.45 9.31
N GLN B 175 9.64 -6.33 9.26
CA GLN B 175 9.57 -7.49 10.16
C GLN B 175 8.91 -8.64 9.44
N VAL B 176 9.38 -9.86 9.70
CA VAL B 176 8.67 -11.03 9.20
C VAL B 176 7.38 -11.23 9.98
N LEU B 177 6.36 -11.75 9.29
CA LEU B 177 5.02 -11.97 9.86
C LEU B 177 4.67 -13.44 9.91
N GLY B 178 4.27 -13.90 11.10
CA GLY B 178 3.75 -15.24 11.27
C GLY B 178 4.79 -16.28 11.58
N LYS B 179 4.34 -17.36 12.22
CA LYS B 179 5.22 -18.45 12.64
C LYS B 179 5.92 -19.14 11.51
N GLU B 180 5.23 -19.41 10.39
CA GLU B 180 5.86 -20.05 9.24
C GLU B 180 7.05 -19.24 8.79
N SER B 181 6.90 -17.92 8.71
CA SER B 181 7.99 -17.09 8.23
C SER B 181 9.23 -17.33 9.07
N MET B 182 9.08 -17.31 10.39
CA MET B 182 10.21 -17.53 11.26
C MET B 182 10.76 -18.93 11.15
N GLN B 183 9.90 -19.94 10.94
CA GLN B 183 10.39 -21.28 10.73
C GLN B 183 11.30 -21.34 9.51
N VAL B 184 10.92 -20.63 8.44
CA VAL B 184 11.71 -20.63 7.23
C VAL B 184 13.03 -19.91 7.48
N VAL B 185 12.99 -18.77 8.17
CA VAL B 185 14.22 -18.06 8.54
C VAL B 185 15.16 -19.00 9.29
N ARG B 186 14.64 -19.74 10.25
CA ARG B 186 15.47 -20.68 11.06
C ARG B 186 16.03 -21.79 10.16
N LYS B 187 15.26 -22.28 9.22
CA LYS B 187 15.79 -23.28 8.30
C LYS B 187 16.99 -22.73 7.52
N ILE B 188 16.85 -21.52 6.98
CA ILE B 188 17.93 -20.91 6.23
C ILE B 188 19.15 -20.75 7.13
N GLU B 189 18.92 -20.26 8.35
CA GLU B 189 19.99 -19.97 9.31
C GLU B 189 20.85 -21.19 9.60
N HIS B 190 20.26 -22.37 9.53
CA HIS B 190 20.93 -23.57 9.95
C HIS B 190 21.48 -24.42 8.84
N VAL B 191 21.47 -23.94 7.59
CA VAL B 191 22.06 -24.70 6.52
C VAL B 191 23.60 -24.72 6.63
N THR B 192 24.20 -25.78 6.10
CA THR B 192 25.64 -25.91 6.13
C THR B 192 26.31 -24.84 5.28
N VAL B 193 27.38 -24.24 5.79
CA VAL B 193 28.09 -23.15 5.12
C VAL B 193 29.58 -23.51 4.99
N ASP B 194 30.23 -22.86 4.01
CA ASP B 194 31.66 -22.93 3.84
C ASP B 194 32.34 -21.93 4.78
N GLY B 195 33.67 -21.84 4.65
CA GLY B 195 34.49 -20.99 5.48
C GLY B 195 34.22 -19.50 5.39
N GLY B 196 33.59 -19.07 4.29
CA GLY B 196 33.15 -17.71 4.08
C GLY B 196 31.67 -17.48 4.42
N ASN B 197 31.05 -18.45 5.08
CA ASN B 197 29.66 -18.41 5.50
C ASN B 197 28.70 -18.41 4.32
N ARG B 198 29.16 -18.91 3.18
CA ARG B 198 28.29 -19.07 2.00
C ARG B 198 27.68 -20.45 2.08
N PRO B 199 26.35 -20.60 1.88
CA PRO B 199 25.73 -21.91 1.95
C PRO B 199 26.33 -22.86 0.91
N ARG B 200 26.46 -24.13 1.30
CA ARG B 200 26.98 -25.16 0.38
C ARG B 200 25.94 -25.51 -0.68
N ILE B 201 24.66 -25.33 -0.39
CA ILE B 201 23.61 -25.56 -1.36
C ILE B 201 22.85 -24.24 -1.43
N PRO B 202 22.61 -23.68 -2.63
CA PRO B 202 22.02 -22.34 -2.62
CA PRO B 202 21.91 -22.40 -2.81
C PRO B 202 20.60 -22.28 -2.02
N VAL B 203 20.36 -21.12 -1.46
CA VAL B 203 19.12 -20.74 -0.82
C VAL B 203 18.52 -19.62 -1.66
N THR B 204 17.41 -19.92 -2.36
CA THR B 204 16.90 -19.07 -3.44
C THR B 204 15.49 -18.55 -3.14
N VAL B 205 15.28 -17.27 -3.46
CA VAL B 205 13.96 -16.69 -3.56
C VAL B 205 13.42 -17.08 -4.96
N THR B 206 12.59 -18.11 -5.01
CA THR B 206 12.14 -18.60 -6.29
C THR B 206 11.01 -17.75 -6.88
N GLN B 207 10.23 -17.12 -5.99
N GLN B 207 10.23 -17.12 -5.99
CA GLN B 207 9.11 -16.28 -6.33
CA GLN B 207 9.18 -16.20 -6.38
C GLN B 207 9.02 -15.22 -5.25
C GLN B 207 9.03 -15.21 -5.27
N CYS B 208 8.54 -14.02 -5.62
CA CYS B 208 8.35 -12.96 -4.66
C CYS B 208 7.35 -11.99 -5.20
N GLY B 209 6.76 -11.21 -4.30
CA GLY B 209 5.71 -10.31 -4.70
C GLY B 209 5.13 -9.58 -3.51
N GLU B 210 3.98 -8.93 -3.75
CA GLU B 210 3.29 -8.13 -2.77
C GLU B 210 1.92 -8.74 -2.51
N LEU B 211 1.53 -8.81 -1.23
CA LEU B 211 0.25 -9.36 -0.79
C LEU B 211 -0.80 -8.30 -0.60
N VAL C 9 -23.82 24.07 -9.48
CA VAL C 9 -24.11 22.95 -10.30
C VAL C 9 -24.58 23.59 -11.58
N ALA C 11 -25.87 23.16 -15.93
CA ALA C 11 -26.82 22.38 -16.67
C ALA C 11 -26.19 21.13 -17.24
N VAL D 9 33.83 -8.00 3.78
CA VAL D 9 33.35 -8.51 5.04
C VAL D 9 34.49 -8.37 6.04
N ALA D 11 36.07 -8.99 10.20
CA ALA D 11 36.00 -9.97 11.24
C ALA D 11 34.81 -9.73 12.17
#